data_7M7V
#
_entry.id   7M7V
#
_cell.length_a   89.970
_cell.length_b   110.280
_cell.length_c   57.630
_cell.angle_alpha   90.000
_cell.angle_beta   90.000
_cell.angle_gamma   90.000
#
_symmetry.space_group_name_H-M   'P 21 21 2'
#
loop_
_entity.id
_entity.type
_entity.pdbx_description
1 polymer 'Polyketide synthase Pks13'
2 non-polymer 5-hydroxy-2-(4-hydroxyphenyl)-N-methyl-4-[(2-oxa-6-azaspiro[3.4]octan-6-yl)methyl]-1-benzofuran-3-carboxamide
3 water water
#
_entity_poly.entity_id   1
_entity_poly.type   'polypeptide(L)'
_entity_poly.pdbx_seq_one_letter_code
;SNAQIDGFVRTLRARPEAGGKVPVFVFHPAGGSTVVYEPLLGRLPADTPMYGFERVEGSIEERAQQYVPKLIEMQGDGPY
VLVGWSLGGVLAYACAIGLRRLGKDVRFVGLIDAVRAGEEIPQTKEEIRKRWDRYAAFAEKTFNVTIPAIPYEQLEELDD
EGQVRFVLDAVSQSGVQIPAGIIEHQRTSYLDNRAIDTAQIQPYDGHVTLYMADRYHDDAIMFEPRYAVRQPDGGWGEYV
SDLEVVPIGGEHIQAIDEPIIAKVGEHMSRALGQIEADRTSEVGKQ
;
_entity_poly.pdbx_strand_id   A,B
#
loop_
_chem_comp.id
_chem_comp.type
_chem_comp.name
_chem_comp.formula
Z3J non-polymer 5-hydroxy-2-(4-hydroxyphenyl)-N-methyl-4-[(2-oxa-6-azaspiro[3.4]octan-6-yl)methyl]-1-benzofuran-3-carboxamide 'C23 H24 N2 O5'
#
# COMPACT_ATOMS: atom_id res chain seq x y z
N GLY A 7 -18.48 8.05 -32.06
CA GLY A 7 -18.75 6.76 -31.45
C GLY A 7 -18.58 6.77 -29.94
N PHE A 8 -17.78 5.88 -29.34
CA PHE A 8 -17.58 5.97 -27.90
C PHE A 8 -16.16 6.39 -27.51
N VAL A 9 -15.37 6.90 -28.44
CA VAL A 9 -13.98 7.28 -28.23
C VAL A 9 -13.86 8.79 -28.34
N ARG A 10 -13.25 9.44 -27.35
CA ARG A 10 -13.05 10.88 -27.38
C ARG A 10 -11.57 11.20 -27.53
N THR A 11 -11.24 12.07 -28.48
CA THR A 11 -9.86 12.46 -28.73
C THR A 11 -9.51 13.64 -27.83
N LEU A 12 -8.72 13.37 -26.77
CA LEU A 12 -8.28 14.44 -25.89
C LEU A 12 -7.07 15.18 -26.48
N ARG A 13 -6.14 14.43 -27.08
CA ARG A 13 -5.05 15.02 -27.83
C ARG A 13 -4.70 14.06 -28.96
N ALA A 14 -4.83 14.50 -30.21
CA ALA A 14 -4.58 13.56 -31.29
C ALA A 14 -3.08 13.24 -31.42
N ARG A 15 -2.80 11.98 -31.80
CA ARG A 15 -1.47 11.60 -32.22
C ARG A 15 -1.19 12.20 -33.60
N PRO A 16 0.08 12.31 -33.98
CA PRO A 16 0.41 12.85 -35.31
C PRO A 16 -0.02 11.84 -36.37
N GLU A 17 -0.03 12.31 -37.64
CA GLU A 17 -0.48 11.47 -38.74
C GLU A 17 0.31 10.18 -38.81
N ALA A 18 1.60 10.22 -38.49
CA ALA A 18 2.42 9.03 -38.45
C ALA A 18 3.54 9.25 -37.44
N GLY A 19 3.84 8.20 -36.69
CA GLY A 19 4.89 8.26 -35.70
C GLY A 19 4.43 8.90 -34.40
N GLY A 20 5.39 9.40 -33.63
CA GLY A 20 5.09 10.07 -32.39
C GLY A 20 5.05 9.13 -31.21
N LYS A 21 4.73 9.70 -30.05
CA LYS A 21 4.77 8.93 -28.82
C LYS A 21 3.58 7.98 -28.70
N VAL A 22 3.74 7.01 -27.80
CA VAL A 22 2.70 6.02 -27.53
C VAL A 22 1.48 6.73 -26.95
N PRO A 23 0.26 6.43 -27.39
CA PRO A 23 -0.91 7.07 -26.78
C PRO A 23 -1.25 6.53 -25.38
N VAL A 24 -1.84 7.41 -24.59
CA VAL A 24 -2.48 7.01 -23.33
C VAL A 24 -3.97 6.87 -23.61
N PHE A 25 -4.54 5.70 -23.26
CA PHE A 25 -5.96 5.41 -23.36
C PHE A 25 -6.56 5.49 -21.94
N VAL A 26 -7.45 6.48 -21.71
CA VAL A 26 -8.14 6.63 -20.43
C VAL A 26 -9.59 6.17 -20.57
N PHE A 27 -10.17 5.71 -19.46
CA PHE A 27 -11.50 5.11 -19.46
C PHE A 27 -12.38 5.85 -18.46
N HIS A 28 -13.61 6.11 -18.87
CA HIS A 28 -14.49 7.04 -18.18
C HIS A 28 -14.76 6.55 -16.77
N PRO A 29 -15.09 7.46 -15.87
CA PRO A 29 -15.43 7.08 -14.50
C PRO A 29 -16.94 6.87 -14.35
N ALA A 30 -17.33 6.37 -13.18
CA ALA A 30 -18.73 6.08 -12.94
C ALA A 30 -19.53 7.37 -12.92
N GLY A 31 -20.62 7.40 -13.69
CA GLY A 31 -21.47 8.56 -13.86
C GLY A 31 -20.81 9.76 -14.51
N GLY A 32 -19.76 9.56 -15.30
CA GLY A 32 -19.07 10.70 -15.86
C GLY A 32 -18.37 10.41 -17.17
N SER A 33 -17.70 11.43 -17.72
CA SER A 33 -17.05 11.35 -19.01
C SER A 33 -15.54 11.52 -18.87
N THR A 34 -14.81 11.13 -19.92
CA THR A 34 -13.35 11.23 -19.90
C THR A 34 -12.82 12.65 -19.93
N VAL A 35 -13.65 13.70 -19.96
CA VAL A 35 -13.09 15.04 -19.87
C VAL A 35 -12.39 15.26 -18.52
N VAL A 36 -12.68 14.43 -17.50
CA VAL A 36 -12.02 14.55 -16.19
C VAL A 36 -10.54 14.20 -16.22
N TYR A 37 -10.04 13.63 -17.30
CA TYR A 37 -8.61 13.33 -17.40
C TYR A 37 -7.81 14.50 -17.97
N GLU A 38 -8.46 15.63 -18.22
CA GLU A 38 -7.74 16.78 -18.76
C GLU A 38 -6.69 17.30 -17.80
N PRO A 39 -6.98 17.45 -16.49
CA PRO A 39 -5.87 17.79 -15.57
C PRO A 39 -4.70 16.82 -15.65
N LEU A 40 -4.96 15.51 -15.69
CA LEU A 40 -3.86 14.55 -15.83
C LEU A 40 -3.06 14.79 -17.10
N LEU A 41 -3.75 15.09 -18.21
CA LEU A 41 -3.06 15.32 -19.48
C LEU A 41 -2.04 16.45 -19.41
N GLY A 42 -2.37 17.55 -18.72
CA GLY A 42 -1.44 18.65 -18.50
C GLY A 42 -0.23 18.30 -17.65
N ARG A 43 -0.27 17.17 -16.94
CA ARG A 43 0.86 16.72 -16.15
C ARG A 43 1.68 15.65 -16.84
N LEU A 44 1.30 15.26 -18.08
CA LEU A 44 2.00 14.26 -18.87
C LEU A 44 2.98 14.93 -19.85
N PRO A 45 3.96 14.17 -20.36
CA PRO A 45 4.92 14.73 -21.32
C PRO A 45 4.25 15.41 -22.50
N ALA A 46 4.94 16.40 -23.07
CA ALA A 46 4.37 17.14 -24.20
C ALA A 46 4.13 16.21 -25.38
N ASP A 47 3.03 16.47 -26.10
CA ASP A 47 2.60 15.67 -27.25
C ASP A 47 2.43 14.19 -26.90
N THR A 48 2.10 13.87 -25.66
CA THR A 48 1.53 12.55 -25.35
C THR A 48 0.12 12.49 -25.92
N PRO A 49 -0.20 11.60 -26.85
CA PRO A 49 -1.59 11.49 -27.32
C PRO A 49 -2.46 10.82 -26.27
N MET A 50 -3.74 11.20 -26.23
CA MET A 50 -4.65 10.63 -25.24
C MET A 50 -6.05 10.44 -25.82
N TYR A 51 -6.60 9.25 -25.66
CA TYR A 51 -7.92 8.88 -26.16
C TYR A 51 -8.77 8.38 -25.01
N GLY A 52 -10.00 8.86 -24.94
CA GLY A 52 -10.91 8.53 -23.86
C GLY A 52 -12.03 7.61 -24.36
N PHE A 53 -12.25 6.51 -23.63
CA PHE A 53 -13.30 5.58 -23.97
C PHE A 53 -14.49 5.82 -23.04
N GLU A 54 -15.65 6.08 -23.63
CA GLU A 54 -16.86 6.52 -22.94
C GLU A 54 -17.78 5.31 -22.73
N ARG A 55 -19.00 5.57 -22.26
CA ARG A 55 -19.87 4.55 -21.72
C ARG A 55 -20.47 3.67 -22.82
N VAL A 56 -20.49 2.35 -22.56
CA VAL A 56 -21.19 1.35 -23.36
C VAL A 56 -21.92 0.40 -22.41
N GLU A 57 -22.84 -0.38 -22.97
CA GLU A 57 -23.66 -1.28 -22.16
C GLU A 57 -22.95 -2.62 -21.93
N GLY A 58 -23.33 -3.27 -20.84
CA GLY A 58 -22.92 -4.64 -20.56
C GLY A 58 -22.30 -4.77 -19.18
N SER A 59 -22.00 -6.02 -18.84
CA SER A 59 -21.14 -6.22 -17.69
C SER A 59 -19.71 -5.85 -18.07
N ILE A 60 -18.82 -5.93 -17.09
CA ILE A 60 -17.45 -5.42 -17.24
C ILE A 60 -16.74 -6.13 -18.38
N GLU A 61 -16.85 -7.47 -18.43
CA GLU A 61 -16.16 -8.21 -19.49
C GLU A 61 -16.81 -7.96 -20.85
N GLU A 62 -18.14 -7.81 -20.89
CA GLU A 62 -18.81 -7.54 -22.17
C GLU A 62 -18.48 -6.15 -22.68
N ARG A 63 -18.26 -5.19 -21.78
CA ARG A 63 -17.80 -3.88 -22.23
C ARG A 63 -16.41 -3.95 -22.83
N ALA A 64 -15.51 -4.72 -22.22
CA ALA A 64 -14.17 -4.89 -22.78
C ALA A 64 -14.21 -5.65 -24.10
N GLN A 65 -15.24 -6.47 -24.32
CA GLN A 65 -15.41 -7.08 -25.63
C GLN A 65 -15.67 -6.04 -26.72
N GLN A 66 -16.20 -4.86 -26.37
CA GLN A 66 -16.36 -3.79 -27.36
C GLN A 66 -15.16 -2.84 -27.41
N TYR A 67 -14.47 -2.65 -26.30
CA TYR A 67 -13.34 -1.73 -26.31
C TYR A 67 -12.15 -2.34 -27.01
N VAL A 68 -11.82 -3.59 -26.68
CA VAL A 68 -10.60 -4.22 -27.20
C VAL A 68 -10.48 -4.12 -28.72
N PRO A 69 -11.51 -4.45 -29.53
CA PRO A 69 -11.35 -4.33 -30.98
C PRO A 69 -11.10 -2.91 -31.43
N LYS A 70 -11.65 -1.93 -30.74
CA LYS A 70 -11.33 -0.55 -31.10
C LYS A 70 -9.88 -0.21 -30.75
N LEU A 71 -9.42 -0.66 -29.58
CA LEU A 71 -8.03 -0.40 -29.17
C LEU A 71 -7.07 -0.92 -30.21
N ILE A 72 -7.33 -2.12 -30.73
CA ILE A 72 -6.44 -2.75 -31.70
C ILE A 72 -6.53 -2.06 -33.06
N GLU A 73 -7.69 -1.48 -33.41
CA GLU A 73 -7.77 -0.64 -34.59
C GLU A 73 -6.85 0.58 -34.47
N MET A 74 -6.80 1.17 -33.27
CA MET A 74 -6.04 2.40 -33.07
C MET A 74 -4.57 2.17 -32.75
N GLN A 75 -4.21 1.01 -32.20
CA GLN A 75 -2.84 0.76 -31.74
C GLN A 75 -2.18 -0.50 -32.27
N GLY A 76 -2.90 -1.40 -32.91
CA GLY A 76 -2.23 -2.56 -33.51
C GLY A 76 -1.65 -3.50 -32.46
N ASP A 77 -0.39 -3.89 -32.68
CA ASP A 77 0.31 -4.77 -31.73
C ASP A 77 0.55 -4.09 -30.40
N GLY A 78 0.78 -2.78 -30.41
CA GLY A 78 1.14 -2.09 -29.20
C GLY A 78 2.20 -1.05 -29.45
N PRO A 79 2.73 -0.49 -28.37
CA PRO A 79 2.42 -0.90 -27.00
C PRO A 79 1.23 -0.18 -26.34
N TYR A 80 0.64 -0.81 -25.33
CA TYR A 80 -0.60 -0.34 -24.72
C TYR A 80 -0.34 0.26 -23.34
N VAL A 81 -0.90 1.45 -23.12
CA VAL A 81 -0.92 2.14 -21.84
C VAL A 81 -2.39 2.45 -21.53
N LEU A 82 -2.91 1.83 -20.46
CA LEU A 82 -4.32 1.85 -20.12
C LEU A 82 -4.50 2.45 -18.72
N VAL A 83 -5.32 3.49 -18.61
CA VAL A 83 -5.43 4.29 -17.39
C VAL A 83 -6.91 4.55 -17.11
N GLY A 84 -7.28 4.57 -15.83
CA GLY A 84 -8.65 4.82 -15.45
C GLY A 84 -8.76 5.11 -13.97
N TRP A 85 -9.56 6.11 -13.63
CA TRP A 85 -9.99 6.46 -12.28
C TRP A 85 -11.39 5.90 -12.06
N SER A 86 -11.71 5.57 -10.81
CA SER A 86 -13.08 5.12 -10.43
C SER A 86 -13.37 3.87 -11.25
N LEU A 87 -14.54 3.78 -11.89
CA LEU A 87 -14.87 2.62 -12.73
C LEU A 87 -13.87 2.43 -13.86
N GLY A 88 -13.24 3.53 -14.31
CA GLY A 88 -12.34 3.41 -15.43
C GLY A 88 -11.20 2.44 -15.17
N GLY A 89 -10.72 2.39 -13.92
CA GLY A 89 -9.64 1.49 -13.60
C GLY A 89 -9.99 0.04 -13.86
N VAL A 90 -11.19 -0.37 -13.42
CA VAL A 90 -11.61 -1.75 -13.64
C VAL A 90 -11.66 -2.06 -15.14
N LEU A 91 -12.19 -1.12 -15.92
CA LEU A 91 -12.28 -1.27 -17.37
C LEU A 91 -10.90 -1.37 -18.02
N ALA A 92 -9.99 -0.46 -17.65
CA ALA A 92 -8.63 -0.50 -18.18
C ALA A 92 -7.97 -1.85 -17.88
N TYR A 93 -8.09 -2.31 -16.63
CA TYR A 93 -7.58 -3.63 -16.25
C TYR A 93 -8.24 -4.75 -17.07
N ALA A 94 -9.57 -4.67 -17.26
CA ALA A 94 -10.29 -5.67 -18.05
C ALA A 94 -9.79 -5.69 -19.50
N CYS A 95 -9.44 -4.52 -20.04
CA CYS A 95 -8.92 -4.51 -21.40
C CYS A 95 -7.47 -4.95 -21.45
N ALA A 96 -6.74 -4.79 -20.34
CA ALA A 96 -5.40 -5.38 -20.23
C ALA A 96 -5.43 -6.89 -20.33
N ILE A 97 -6.45 -7.50 -19.73
CA ILE A 97 -6.56 -8.95 -19.77
C ILE A 97 -7.00 -9.40 -21.17
N GLY A 98 -7.96 -8.71 -21.77
CA GLY A 98 -8.37 -9.07 -23.12
C GLY A 98 -7.24 -8.92 -24.14
N LEU A 99 -6.49 -7.81 -24.04
CA LEU A 99 -5.39 -7.56 -24.97
C LEU A 99 -4.26 -8.55 -24.78
N ARG A 100 -3.98 -8.94 -23.53
CA ARG A 100 -2.94 -9.93 -23.27
C ARG A 100 -3.27 -11.28 -23.91
N ARG A 101 -4.54 -11.70 -23.87
CA ARG A 101 -4.92 -13.00 -24.42
C ARG A 101 -4.76 -13.02 -25.93
N LEU A 102 -4.90 -11.87 -26.59
CA LEU A 102 -4.71 -11.72 -28.02
C LEU A 102 -3.25 -11.53 -28.42
N GLY A 103 -2.31 -11.65 -27.50
CA GLY A 103 -0.91 -11.50 -27.81
C GLY A 103 -0.44 -10.07 -27.97
N LYS A 104 -1.10 -9.11 -27.36
CA LYS A 104 -0.73 -7.71 -27.51
C LYS A 104 0.25 -7.30 -26.42
N ASP A 105 1.06 -6.27 -26.71
CA ASP A 105 2.07 -5.77 -25.77
C ASP A 105 1.49 -4.68 -24.88
N VAL A 106 1.07 -5.04 -23.66
CA VAL A 106 0.64 -4.07 -22.66
C VAL A 106 1.81 -3.74 -21.74
N ARG A 107 2.23 -2.47 -21.71
CA ARG A 107 3.38 -2.09 -20.92
C ARG A 107 3.07 -1.18 -19.74
N PHE A 108 1.81 -0.79 -19.52
CA PHE A 108 1.45 0.02 -18.35
C PHE A 108 -0.05 0.01 -18.14
N VAL A 109 -0.49 -0.41 -16.96
CA VAL A 109 -1.89 -0.32 -16.54
C VAL A 109 -1.95 0.59 -15.32
N GLY A 110 -2.61 1.73 -15.46
CA GLY A 110 -2.65 2.67 -14.35
C GLY A 110 -4.02 2.80 -13.71
N LEU A 111 -4.14 2.35 -12.48
CA LEU A 111 -5.37 2.48 -11.73
C LEU A 111 -5.27 3.68 -10.80
N ILE A 112 -6.16 4.64 -10.97
CA ILE A 112 -6.19 5.81 -10.09
C ILE A 112 -7.28 5.55 -9.05
N ASP A 113 -6.87 5.08 -7.89
CA ASP A 113 -7.76 4.82 -6.73
C ASP A 113 -8.92 3.90 -7.08
N ALA A 114 -8.69 2.91 -7.93
CA ALA A 114 -9.70 1.88 -8.21
C ALA A 114 -9.61 0.78 -7.15
N VAL A 115 -10.04 1.14 -5.94
CA VAL A 115 -9.78 0.36 -4.74
C VAL A 115 -11.01 -0.46 -4.42
N ARG A 116 -10.81 -1.77 -4.20
CA ARG A 116 -11.92 -2.70 -3.95
C ARG A 116 -12.46 -2.54 -2.53
N ALA A 117 -13.68 -3.05 -2.32
CA ALA A 117 -14.24 -3.05 -0.97
C ALA A 117 -13.38 -3.87 -0.03
N GLY A 118 -13.21 -3.37 1.21
CA GLY A 118 -12.36 -4.06 2.16
C GLY A 118 -12.80 -5.48 2.45
N GLU A 119 -14.11 -5.74 2.37
CA GLU A 119 -14.63 -7.10 2.42
C GLU A 119 -15.38 -7.36 1.12
N GLU A 120 -15.39 -8.61 0.67
CA GLU A 120 -16.06 -8.95 -0.57
C GLU A 120 -17.57 -8.73 -0.46
N ILE A 121 -18.17 -8.20 -1.53
CA ILE A 121 -19.60 -7.94 -1.57
C ILE A 121 -20.29 -9.22 -2.06
N PRO A 122 -21.10 -9.86 -1.23
CA PRO A 122 -21.75 -11.12 -1.67
C PRO A 122 -22.74 -10.87 -2.82
N GLN A 123 -22.70 -11.76 -3.82
CA GLN A 123 -23.64 -11.69 -4.95
C GLN A 123 -24.92 -12.48 -4.68
N THR A 124 -25.54 -12.29 -3.52
CA THR A 124 -26.61 -13.17 -3.08
C THR A 124 -27.97 -12.47 -3.07
N LYS A 125 -28.99 -13.30 -2.87
CA LYS A 125 -30.33 -12.80 -2.73
C LYS A 125 -30.51 -12.07 -1.40
N GLU A 126 -29.85 -12.53 -0.36
CA GLU A 126 -29.97 -11.86 0.93
C GLU A 126 -29.36 -10.46 0.87
N GLU A 127 -28.26 -10.30 0.12
CA GLU A 127 -27.66 -8.97 -0.02
C GLU A 127 -28.49 -8.06 -0.92
N ILE A 128 -29.27 -8.62 -1.83
CA ILE A 128 -30.23 -7.82 -2.60
C ILE A 128 -31.25 -7.22 -1.64
N ARG A 129 -31.83 -8.07 -0.80
CA ARG A 129 -32.79 -7.62 0.20
C ARG A 129 -32.17 -6.63 1.18
N LYS A 130 -30.95 -6.90 1.66
CA LYS A 130 -30.29 -5.94 2.56
C LYS A 130 -30.06 -4.61 1.86
N ARG A 131 -29.67 -4.63 0.59
CA ARG A 131 -29.36 -3.40 -0.13
C ARG A 131 -30.62 -2.56 -0.37
N TRP A 132 -31.71 -3.19 -0.79
CA TRP A 132 -32.93 -2.44 -1.07
C TRP A 132 -33.63 -1.97 0.20
N ASP A 133 -33.41 -2.63 1.34
CA ASP A 133 -33.89 -2.07 2.59
C ASP A 133 -33.06 -0.84 2.98
N ARG A 134 -31.75 -0.88 2.71
CA ARG A 134 -30.91 0.26 3.04
C ARG A 134 -31.31 1.50 2.25
N TYR A 135 -31.47 1.34 0.93
CA TYR A 135 -31.95 2.45 0.10
C TYR A 135 -33.31 2.94 0.57
N ALA A 136 -34.22 2.01 0.88
CA ALA A 136 -35.57 2.38 1.30
C ALA A 136 -35.55 3.28 2.51
N ALA A 137 -34.71 2.99 3.50
CA ALA A 137 -34.70 3.81 4.71
C ALA A 137 -34.13 5.20 4.43
N PHE A 138 -33.11 5.29 3.58
CA PHE A 138 -32.59 6.59 3.18
C PHE A 138 -33.64 7.41 2.46
N ALA A 139 -34.46 6.74 1.64
CA ALA A 139 -35.44 7.46 0.82
C ALA A 139 -36.52 8.12 1.66
N GLU A 140 -36.99 7.46 2.73
CA GLU A 140 -37.96 8.11 3.59
C GLU A 140 -37.33 9.26 4.38
N LYS A 141 -36.02 9.23 4.59
CA LYS A 141 -35.35 10.31 5.31
C LYS A 141 -35.22 11.56 4.45
N THR A 142 -34.64 11.44 3.26
CA THR A 142 -34.41 12.63 2.44
C THR A 142 -35.63 13.03 1.59
N PHE A 143 -36.79 12.39 1.74
CA PHE A 143 -37.98 12.83 1.04
C PHE A 143 -39.24 12.75 1.92
N ASN A 144 -39.07 12.59 3.24
CA ASN A 144 -40.14 12.53 4.23
C ASN A 144 -41.13 11.39 3.97
N PRO A 148 -42.78 1.62 2.84
CA PRO A 148 -43.77 0.63 2.41
C PRO A 148 -43.13 -0.74 2.19
N ALA A 149 -43.92 -1.72 1.75
CA ALA A 149 -43.41 -3.07 1.59
C ALA A 149 -42.50 -3.18 0.36
N ILE A 150 -41.29 -3.68 0.58
CA ILE A 150 -40.35 -3.90 -0.52
C ILE A 150 -40.72 -5.26 -1.11
N PRO A 151 -41.17 -5.34 -2.39
CA PRO A 151 -41.53 -6.65 -2.95
C PRO A 151 -40.29 -7.48 -3.27
N TYR A 152 -39.72 -8.17 -2.28
CA TYR A 152 -38.39 -8.72 -2.48
C TYR A 152 -38.37 -9.82 -3.54
N GLU A 153 -39.46 -10.56 -3.69
CA GLU A 153 -39.42 -11.69 -4.61
C GLU A 153 -39.39 -11.25 -6.05
N GLN A 154 -39.90 -10.06 -6.35
CA GLN A 154 -39.81 -9.55 -7.71
C GLN A 154 -38.43 -8.98 -8.01
N LEU A 155 -37.75 -8.41 -7.01
CA LEU A 155 -36.45 -7.82 -7.26
C LEU A 155 -35.34 -8.87 -7.36
N GLU A 156 -35.37 -9.90 -6.48
CA GLU A 156 -34.32 -10.92 -6.48
C GLU A 156 -34.22 -11.68 -7.78
N GLU A 157 -35.21 -11.57 -8.65
CA GLU A 157 -35.18 -12.35 -9.88
C GLU A 157 -34.69 -11.52 -11.06
N LEU A 158 -34.28 -10.28 -10.83
CA LEU A 158 -33.86 -9.35 -11.87
C LEU A 158 -32.40 -8.97 -11.67
N ASP A 159 -31.73 -8.66 -12.78
CA ASP A 159 -30.39 -8.06 -12.72
C ASP A 159 -30.48 -6.59 -12.32
N ASP A 160 -29.33 -5.94 -12.24
CA ASP A 160 -29.27 -4.54 -11.82
C ASP A 160 -30.13 -3.65 -12.72
N GLU A 161 -30.01 -3.83 -14.05
CA GLU A 161 -30.79 -3.03 -14.99
C GLU A 161 -32.28 -3.24 -14.79
N GLY A 162 -32.72 -4.50 -14.74
CA GLY A 162 -34.12 -4.78 -14.49
C GLY A 162 -34.59 -4.28 -13.13
N GLN A 163 -33.74 -4.41 -12.11
CA GLN A 163 -34.10 -3.89 -10.79
C GLN A 163 -34.42 -2.41 -10.89
N VAL A 164 -33.56 -1.64 -11.59
CA VAL A 164 -33.72 -0.19 -11.63
C VAL A 164 -34.95 0.20 -12.44
N ARG A 165 -35.19 -0.46 -13.57
CA ARG A 165 -36.40 -0.20 -14.35
C ARG A 165 -37.65 -0.50 -13.53
N PHE A 166 -37.66 -1.63 -12.83
CA PHE A 166 -38.81 -1.98 -12.01
C PHE A 166 -39.09 -0.90 -10.98
N VAL A 167 -38.03 -0.34 -10.39
CA VAL A 167 -38.22 0.64 -9.33
C VAL A 167 -38.62 2.00 -9.90
N LEU A 168 -38.12 2.35 -11.08
CA LEU A 168 -38.58 3.59 -11.71
C LEU A 168 -40.03 3.47 -12.18
N ASP A 169 -40.39 2.31 -12.74
CA ASP A 169 -41.78 2.10 -13.19
C ASP A 169 -42.75 2.16 -12.03
N ALA A 170 -42.33 1.71 -10.84
CA ALA A 170 -43.20 1.78 -9.67
C ALA A 170 -43.42 3.22 -9.23
N VAL A 171 -42.43 4.10 -9.43
CA VAL A 171 -42.60 5.51 -9.11
C VAL A 171 -43.55 6.15 -10.13
N SER A 172 -43.38 5.82 -11.41
CA SER A 172 -44.33 6.29 -12.43
C SER A 172 -45.74 5.82 -12.13
N GLN A 173 -45.90 4.57 -11.71
CA GLN A 173 -47.23 4.00 -11.43
C GLN A 173 -47.92 4.64 -10.22
N SER A 174 -47.18 5.37 -9.38
CA SER A 174 -47.77 6.07 -8.25
C SER A 174 -48.18 7.50 -8.61
N ILE A 178 -40.80 12.45 -12.44
CA ILE A 178 -39.40 12.87 -12.35
C ILE A 178 -38.82 13.15 -13.76
N PRO A 179 -38.21 14.33 -13.92
CA PRO A 179 -37.77 14.75 -15.25
C PRO A 179 -36.79 13.79 -15.86
N ALA A 180 -36.82 13.70 -17.19
CA ALA A 180 -36.02 12.71 -17.91
C ALA A 180 -34.52 12.84 -17.65
N GLY A 181 -34.01 14.09 -17.58
CA GLY A 181 -32.57 14.29 -17.46
C GLY A 181 -32.01 13.78 -16.13
N ILE A 182 -32.73 14.05 -15.05
CA ILE A 182 -32.29 13.57 -13.74
C ILE A 182 -32.32 12.05 -13.73
N ILE A 183 -33.31 11.45 -14.39
CA ILE A 183 -33.45 10.00 -14.38
C ILE A 183 -32.32 9.34 -15.15
N GLU A 184 -32.02 9.85 -16.35
CA GLU A 184 -30.97 9.23 -17.14
C GLU A 184 -29.62 9.27 -16.43
N HIS A 185 -29.28 10.40 -15.80
CA HIS A 185 -27.98 10.52 -15.13
C HIS A 185 -27.87 9.58 -13.93
N GLN A 186 -28.91 9.52 -13.09
CA GLN A 186 -28.83 8.63 -11.95
C GLN A 186 -28.96 7.16 -12.34
N ARG A 187 -29.52 6.84 -13.50
CA ARG A 187 -29.60 5.45 -13.90
C ARG A 187 -28.22 4.95 -14.31
N THR A 188 -27.47 5.77 -15.06
CA THR A 188 -26.12 5.39 -15.43
C THR A 188 -25.15 5.50 -14.25
N SER A 189 -25.35 6.50 -13.38
CA SER A 189 -24.52 6.61 -12.18
C SER A 189 -24.63 5.35 -11.35
N TYR A 190 -25.87 4.98 -10.98
CA TYR A 190 -26.07 3.81 -10.13
C TYR A 190 -25.54 2.54 -10.79
N LEU A 191 -25.87 2.32 -12.06
CA LEU A 191 -25.45 1.10 -12.75
C LEU A 191 -23.93 1.00 -12.86
N ASP A 192 -23.23 2.12 -13.09
CA ASP A 192 -21.78 2.03 -13.15
C ASP A 192 -21.19 1.67 -11.79
N ASN A 193 -21.80 2.19 -10.72
CA ASN A 193 -21.36 1.85 -9.38
C ASN A 193 -21.65 0.40 -9.04
N ARG A 194 -22.76 -0.15 -9.51
CA ARG A 194 -22.98 -1.56 -9.27
C ARG A 194 -22.01 -2.40 -10.09
N ALA A 195 -21.65 -1.93 -11.30
CA ALA A 195 -20.62 -2.58 -12.12
C ALA A 195 -19.29 -2.74 -11.38
N ILE A 196 -18.91 -1.76 -10.54
CA ILE A 196 -17.73 -1.88 -9.69
C ILE A 196 -17.96 -2.94 -8.61
N ASP A 197 -19.12 -2.89 -7.95
CA ASP A 197 -19.43 -3.88 -6.92
C ASP A 197 -19.32 -5.30 -7.45
N THR A 198 -19.91 -5.54 -8.62
CA THR A 198 -20.09 -6.88 -9.16
C THR A 198 -18.91 -7.39 -9.97
N ALA A 199 -17.84 -6.60 -10.12
CA ALA A 199 -16.76 -6.97 -11.03
C ALA A 199 -16.08 -8.27 -10.59
N GLN A 200 -15.92 -9.20 -11.50
CA GLN A 200 -15.23 -10.46 -11.17
C GLN A 200 -13.81 -10.35 -11.70
N ILE A 201 -12.87 -10.08 -10.81
CA ILE A 201 -11.52 -9.69 -11.22
C ILE A 201 -10.72 -10.96 -11.51
N GLN A 202 -10.04 -10.99 -12.70
CA GLN A 202 -9.26 -12.09 -13.26
C GLN A 202 -7.78 -11.81 -13.04
N PRO A 203 -6.95 -12.85 -12.91
CA PRO A 203 -5.52 -12.61 -12.65
C PRO A 203 -4.84 -12.01 -13.88
N TYR A 204 -3.86 -11.14 -13.62
CA TYR A 204 -3.11 -10.46 -14.66
C TYR A 204 -1.62 -10.54 -14.35
N ASP A 205 -0.82 -10.78 -15.39
CA ASP A 205 0.60 -11.10 -15.25
C ASP A 205 1.50 -9.89 -15.46
N GLY A 206 1.01 -8.81 -16.06
CA GLY A 206 1.82 -7.63 -16.29
C GLY A 206 1.95 -6.73 -15.08
N HIS A 207 2.56 -5.57 -15.30
CA HIS A 207 2.77 -4.61 -14.24
C HIS A 207 1.57 -3.68 -14.11
N VAL A 208 1.11 -3.50 -12.88
CA VAL A 208 -0.01 -2.64 -12.55
C VAL A 208 0.50 -1.65 -11.53
N THR A 209 0.23 -0.36 -11.79
CA THR A 209 0.46 0.72 -10.84
C THR A 209 -0.88 1.17 -10.29
N LEU A 210 -0.98 1.24 -8.97
CA LEU A 210 -2.21 1.62 -8.28
C LEU A 210 -1.89 2.89 -7.48
N TYR A 211 -2.46 4.02 -7.91
CA TYR A 211 -2.33 5.26 -7.16
C TYR A 211 -3.41 5.26 -6.07
N MET A 212 -2.99 5.17 -4.80
CA MET A 212 -3.89 4.87 -3.71
C MET A 212 -4.13 6.09 -2.82
N ALA A 213 -5.38 6.47 -2.68
CA ALA A 213 -5.71 7.54 -1.76
C ALA A 213 -5.99 6.94 -0.38
N ASP A 214 -6.41 7.76 0.58
CA ASP A 214 -6.63 7.26 1.92
C ASP A 214 -8.02 6.63 2.09
N ARG A 215 -9.05 7.18 1.46
CA ARG A 215 -10.41 6.81 1.87
C ARG A 215 -11.43 7.18 0.81
N TYR A 216 -12.52 6.42 0.78
CA TYR A 216 -13.76 6.79 0.08
C TYR A 216 -14.59 7.79 0.90
N HIS A 217 -15.40 8.58 0.21
CA HIS A 217 -16.21 9.59 0.88
C HIS A 217 -17.36 8.97 1.67
N ASP A 218 -17.92 9.75 2.60
CA ASP A 218 -18.98 9.20 3.43
C ASP A 218 -20.28 9.01 2.65
N ASP A 219 -20.34 9.51 1.41
CA ASP A 219 -21.49 9.20 0.57
C ASP A 219 -21.38 7.78 0.04
N ALA A 220 -20.25 7.46 -0.59
CA ALA A 220 -19.99 6.10 -1.07
C ALA A 220 -20.19 5.07 0.04
N ILE A 221 -19.62 5.34 1.20
CA ILE A 221 -19.70 4.41 2.33
C ILE A 221 -21.15 4.17 2.75
N MET A 222 -21.99 5.22 2.80
CA MET A 222 -23.40 5.04 3.18
C MET A 222 -24.16 4.13 2.21
N PHE A 223 -23.82 4.17 0.92
CA PHE A 223 -24.43 3.29 -0.08
C PHE A 223 -24.04 1.83 0.13
N GLU A 224 -22.75 1.59 0.47
CA GLU A 224 -22.23 0.25 0.68
C GLU A 224 -21.18 0.36 1.77
N PRO A 225 -21.51 -0.01 3.01
CA PRO A 225 -20.56 0.22 4.11
C PRO A 225 -19.29 -0.61 4.03
N ARG A 226 -19.17 -1.58 3.13
CA ARG A 226 -17.92 -2.33 3.09
C ARG A 226 -16.78 -1.53 2.46
N TYR A 227 -17.03 -0.32 1.95
CA TYR A 227 -15.99 0.55 1.41
C TYR A 227 -15.33 1.39 2.50
N ALA A 228 -15.79 1.27 3.75
CA ALA A 228 -15.17 1.94 4.88
C ALA A 228 -13.77 1.42 5.20
N VAL A 229 -13.35 0.31 4.61
CA VAL A 229 -12.04 -0.27 4.85
C VAL A 229 -11.39 -0.50 3.50
N ARG A 230 -10.08 -0.24 3.44
CA ARG A 230 -9.26 -0.55 2.27
C ARG A 230 -8.10 -1.41 2.75
N GLN A 231 -7.81 -2.48 2.03
CA GLN A 231 -6.61 -3.27 2.29
C GLN A 231 -5.38 -2.50 1.82
N PRO A 232 -4.17 -2.86 2.31
CA PRO A 232 -2.97 -2.12 1.85
C PRO A 232 -2.75 -2.22 0.36
N ASP A 233 -3.04 -3.36 -0.23
CA ASP A 233 -2.91 -3.60 -1.66
C ASP A 233 -4.18 -3.22 -2.42
N GLY A 234 -5.11 -2.55 -1.76
CA GLY A 234 -6.31 -2.11 -2.45
C GLY A 234 -7.20 -3.24 -2.93
N GLY A 235 -6.94 -4.47 -2.53
CA GLY A 235 -7.69 -5.62 -2.99
C GLY A 235 -7.19 -6.30 -4.25
N TRP A 236 -6.00 -5.94 -4.75
CA TRP A 236 -5.53 -6.40 -6.05
C TRP A 236 -4.38 -7.40 -6.01
N GLY A 237 -3.71 -7.56 -4.86
CA GLY A 237 -2.51 -8.40 -4.77
C GLY A 237 -2.75 -9.87 -5.03
N GLU A 238 -3.95 -10.36 -4.72
CA GLU A 238 -4.26 -11.75 -5.07
C GLU A 238 -4.22 -11.96 -6.59
N TYR A 239 -4.54 -10.94 -7.37
CA TYR A 239 -4.71 -11.10 -8.82
C TYR A 239 -3.53 -10.62 -9.63
N VAL A 240 -2.66 -9.78 -9.05
CA VAL A 240 -1.50 -9.21 -9.74
C VAL A 240 -0.26 -9.52 -8.91
N SER A 241 0.71 -10.20 -9.52
CA SER A 241 1.96 -10.46 -8.80
C SER A 241 2.91 -9.27 -8.89
N ASP A 242 3.02 -8.64 -10.06
CA ASP A 242 3.80 -7.41 -10.30
C ASP A 242 2.93 -6.16 -10.04
N LEU A 243 2.64 -5.92 -8.77
CA LEU A 243 1.76 -4.83 -8.37
C LEU A 243 2.56 -3.75 -7.66
N GLU A 244 2.45 -2.51 -8.13
CA GLU A 244 3.07 -1.37 -7.46
C GLU A 244 1.99 -0.42 -6.94
N VAL A 245 2.16 0.07 -5.71
CA VAL A 245 1.22 0.99 -5.10
C VAL A 245 1.92 2.32 -4.85
N VAL A 246 1.33 3.40 -5.33
CA VAL A 246 1.86 4.75 -5.12
C VAL A 246 0.88 5.47 -4.20
N PRO A 247 1.23 5.68 -2.93
CA PRO A 247 0.31 6.39 -2.03
C PRO A 247 0.24 7.87 -2.38
N ILE A 248 -0.98 8.38 -2.51
CA ILE A 248 -1.15 9.80 -2.85
C ILE A 248 -1.95 10.57 -1.82
N GLY A 249 -2.48 9.91 -0.79
CA GLY A 249 -3.25 10.60 0.23
C GLY A 249 -4.58 11.14 -0.29
N GLY A 250 -5.29 11.81 0.62
CA GLY A 250 -6.55 12.42 0.26
C GLY A 250 -7.72 11.46 0.11
N GLU A 251 -8.74 11.98 -0.55
CA GLU A 251 -9.98 11.27 -0.76
C GLU A 251 -10.05 10.79 -2.20
N HIS A 252 -10.82 9.69 -2.39
CA HIS A 252 -11.11 9.15 -3.71
C HIS A 252 -11.43 10.25 -4.71
N ILE A 253 -12.37 11.14 -4.36
CA ILE A 253 -12.86 12.13 -5.32
C ILE A 253 -11.78 13.15 -5.70
N GLN A 254 -10.76 13.36 -4.87
CA GLN A 254 -9.74 14.34 -5.23
C GLN A 254 -8.53 13.71 -5.91
N ALA A 255 -8.49 12.39 -6.06
CA ALA A 255 -7.35 11.78 -6.72
C ALA A 255 -7.25 12.16 -8.18
N ILE A 256 -8.34 12.63 -8.78
CA ILE A 256 -8.39 12.95 -10.21
C ILE A 256 -8.12 14.42 -10.50
N ASP A 257 -8.05 15.28 -9.48
CA ASP A 257 -7.94 16.71 -9.72
C ASP A 257 -6.63 17.28 -9.20
N GLU A 258 -6.39 18.54 -9.54
CA GLU A 258 -5.28 19.27 -8.96
C GLU A 258 -5.58 19.53 -7.48
N PRO A 259 -4.55 19.55 -6.62
CA PRO A 259 -3.17 19.34 -7.02
C PRO A 259 -2.68 17.88 -6.85
N ILE A 260 -3.53 16.94 -6.41
CA ILE A 260 -3.03 15.57 -6.18
C ILE A 260 -2.65 14.91 -7.51
N ILE A 261 -3.35 15.23 -8.60
CA ILE A 261 -3.03 14.58 -9.87
C ILE A 261 -1.62 14.93 -10.36
N ALA A 262 -1.04 16.02 -9.82
CA ALA A 262 0.34 16.35 -10.14
C ALA A 262 1.28 15.25 -9.68
N LYS A 263 1.00 14.67 -8.51
CA LYS A 263 1.75 13.51 -8.02
C LYS A 263 1.52 12.28 -8.91
N VAL A 264 0.27 12.01 -9.29
CA VAL A 264 0.01 10.92 -10.24
C VAL A 264 0.78 11.16 -11.53
N GLY A 265 0.77 12.41 -12.02
CA GLY A 265 1.32 12.67 -13.33
C GLY A 265 2.83 12.63 -13.36
N GLU A 266 3.49 13.07 -12.28
CA GLU A 266 4.94 12.97 -12.21
C GLU A 266 5.37 11.51 -12.26
N HIS A 267 4.66 10.63 -11.54
CA HIS A 267 5.00 9.22 -11.61
C HIS A 267 4.77 8.65 -13.01
N MET A 268 3.58 8.90 -13.56
CA MET A 268 3.24 8.35 -14.87
C MET A 268 4.15 8.88 -15.98
N SER A 269 4.62 10.12 -15.86
CA SER A 269 5.56 10.68 -16.85
C SER A 269 6.86 9.90 -16.90
N ARG A 270 7.37 9.49 -15.73
CA ARG A 270 8.58 8.67 -15.68
C ARG A 270 8.35 7.29 -16.32
N ALA A 271 7.18 6.68 -16.09
CA ALA A 271 6.87 5.39 -16.71
C ALA A 271 6.78 5.52 -18.22
N LEU A 272 6.19 6.60 -18.71
CA LEU A 272 6.07 6.78 -20.15
C LEU A 272 7.42 7.07 -20.79
N GLY A 273 8.28 7.81 -20.09
CA GLY A 273 9.62 8.08 -20.61
C GLY A 273 10.45 6.83 -20.72
N GLN A 274 10.28 5.89 -19.77
CA GLN A 274 10.98 4.63 -19.88
C GLN A 274 10.46 3.81 -21.05
N ILE A 275 9.14 3.79 -21.25
CA ILE A 275 8.56 3.09 -22.39
C ILE A 275 9.07 3.68 -23.71
N GLU A 276 9.17 5.02 -23.80
CA GLU A 276 9.73 5.66 -24.99
C GLU A 276 11.21 5.36 -25.19
N ALA A 277 11.96 5.13 -24.10
CA ALA A 277 13.39 4.83 -24.24
C ALA A 277 13.61 3.45 -24.85
N ASP A 278 12.78 2.48 -24.46
CA ASP A 278 12.83 1.10 -24.93
C ASP A 278 12.16 0.89 -26.28
N ARG A 279 11.95 1.97 -27.04
CA ARG A 279 11.40 1.88 -28.39
C ARG A 279 12.49 2.27 -29.37
N ILE B 5 31.98 -10.67 13.72
CA ILE B 5 31.52 -9.30 13.91
C ILE B 5 32.59 -8.49 14.65
N ASP B 6 32.77 -7.23 14.21
CA ASP B 6 33.74 -6.32 14.81
C ASP B 6 33.00 -5.06 15.24
N GLY B 7 33.04 -4.74 16.53
CA GLY B 7 32.31 -3.63 17.10
C GLY B 7 30.83 -3.95 17.13
N PHE B 8 30.00 -3.13 16.50
CA PHE B 8 28.59 -3.45 16.33
C PHE B 8 28.29 -3.79 14.88
N VAL B 9 29.34 -4.08 14.10
CA VAL B 9 29.22 -4.34 12.67
C VAL B 9 29.49 -5.83 12.45
N ARG B 10 28.54 -6.50 11.81
CA ARG B 10 28.66 -7.89 11.44
C ARG B 10 28.81 -7.97 9.93
N THR B 11 29.81 -8.70 9.47
CA THR B 11 30.04 -8.90 8.06
C THR B 11 29.30 -10.16 7.62
N LEU B 12 28.20 -9.95 6.87
CA LEU B 12 27.49 -11.10 6.31
C LEU B 12 28.15 -11.57 5.02
N ARG B 13 28.61 -10.65 4.18
CA ARG B 13 29.45 -10.99 3.06
C ARG B 13 30.36 -9.81 2.78
N ALA B 14 31.68 -10.04 2.81
CA ALA B 14 32.62 -8.95 2.58
C ALA B 14 32.63 -8.52 1.11
N ARG B 15 32.89 -7.24 0.90
CA ARG B 15 33.18 -6.74 -0.42
C ARG B 15 34.60 -7.15 -0.82
N PRO B 16 34.90 -7.15 -2.12
CA PRO B 16 36.24 -7.55 -2.56
C PRO B 16 37.27 -6.47 -2.24
N GLU B 17 38.55 -6.82 -2.42
CA GLU B 17 39.64 -5.87 -2.19
C GLU B 17 39.52 -4.63 -3.07
N ALA B 18 39.07 -4.80 -4.32
CA ALA B 18 38.90 -3.67 -5.22
C ALA B 18 37.78 -3.98 -6.20
N GLY B 19 36.98 -2.96 -6.50
CA GLY B 19 35.86 -3.13 -7.41
C GLY B 19 34.66 -3.71 -6.71
N GLY B 20 33.78 -4.32 -7.51
CA GLY B 20 32.64 -5.02 -7.00
C GLY B 20 31.41 -4.15 -6.80
N LYS B 21 30.32 -4.82 -6.43
CA LYS B 21 29.01 -4.20 -6.38
C LYS B 21 28.83 -3.37 -5.12
N VAL B 22 27.84 -2.48 -5.14
CA VAL B 22 27.56 -1.61 -3.99
C VAL B 22 27.09 -2.46 -2.82
N PRO B 23 27.63 -2.27 -1.60
CA PRO B 23 27.19 -3.06 -0.45
C PRO B 23 25.81 -2.64 0.10
N VAL B 24 25.07 -3.64 0.62
CA VAL B 24 23.78 -3.45 1.25
C VAL B 24 23.98 -3.47 2.76
N PHE B 25 23.50 -2.42 3.45
CA PHE B 25 23.62 -2.27 4.90
C PHE B 25 22.27 -2.59 5.53
N VAL B 26 22.23 -3.67 6.32
CA VAL B 26 21.02 -4.11 7.01
C VAL B 26 21.14 -3.77 8.49
N PHE B 27 20.00 -3.57 9.14
CA PHE B 27 19.90 -3.13 10.53
C PHE B 27 19.04 -4.08 11.34
N HIS B 28 19.53 -4.43 12.53
CA HIS B 28 18.97 -5.52 13.29
C HIS B 28 17.52 -5.24 13.68
N PRO B 29 16.70 -6.29 13.83
CA PRO B 29 15.34 -6.11 14.32
C PRO B 29 15.34 -6.23 15.83
N ALA B 30 14.18 -5.93 16.42
CA ALA B 30 14.04 -6.00 17.87
C ALA B 30 14.14 -7.44 18.33
N GLY B 31 14.98 -7.68 19.34
CA GLY B 31 15.24 -9.01 19.83
C GLY B 31 15.95 -9.94 18.87
N GLY B 32 16.71 -9.41 17.90
CA GLY B 32 17.41 -10.28 16.99
C GLY B 32 18.68 -9.65 16.43
N SER B 33 19.38 -10.44 15.63
CA SER B 33 20.65 -10.09 15.03
C SER B 33 20.47 -10.05 13.52
N THR B 34 21.42 -9.39 12.84
CA THR B 34 21.37 -9.26 11.38
C THR B 34 21.65 -10.56 10.64
N VAL B 35 21.86 -11.67 11.35
CA VAL B 35 21.92 -12.98 10.71
C VAL B 35 20.54 -13.34 10.12
N VAL B 36 19.47 -12.70 10.60
CA VAL B 36 18.14 -12.92 10.04
C VAL B 36 18.01 -12.44 8.60
N TYR B 37 18.99 -11.69 8.09
CA TYR B 37 18.98 -11.24 6.72
C TYR B 37 19.66 -12.18 5.73
N GLU B 38 20.14 -13.34 6.17
CA GLU B 38 20.80 -14.24 5.22
C GLU B 38 19.87 -14.75 4.11
N PRO B 39 18.63 -15.19 4.38
CA PRO B 39 17.69 -15.48 3.27
C PRO B 39 17.49 -14.34 2.28
N LEU B 40 17.37 -13.10 2.73
CA LEU B 40 17.30 -12.00 1.78
C LEU B 40 18.57 -11.95 0.92
N LEU B 41 19.74 -12.11 1.54
CA LEU B 41 20.99 -12.05 0.78
C LEU B 41 21.03 -13.11 -0.32
N GLY B 42 20.47 -14.30 -0.04
CA GLY B 42 20.35 -15.31 -1.09
C GLY B 42 19.45 -14.90 -2.25
N ARG B 43 18.61 -13.88 -2.06
CA ARG B 43 17.79 -13.37 -3.16
C ARG B 43 18.34 -12.09 -3.81
N LEU B 44 19.49 -11.60 -3.37
CA LEU B 44 20.14 -10.44 -3.96
C LEU B 44 21.09 -10.91 -5.04
N PRO B 45 21.52 -10.01 -5.94
CA PRO B 45 22.51 -10.37 -6.96
C PRO B 45 23.72 -11.07 -6.34
N ALA B 46 24.36 -11.93 -7.13
CA ALA B 46 25.54 -12.64 -6.65
C ALA B 46 26.63 -11.65 -6.29
N ASP B 47 27.38 -11.99 -5.25
CA ASP B 47 28.49 -11.19 -4.70
C ASP B 47 28.07 -9.76 -4.36
N THR B 48 26.80 -9.56 -4.04
CA THR B 48 26.41 -8.33 -3.39
C THR B 48 26.97 -8.37 -1.98
N PRO B 49 27.80 -7.42 -1.58
CA PRO B 49 28.28 -7.40 -0.20
C PRO B 49 27.19 -6.94 0.75
N MET B 50 27.25 -7.44 1.99
CA MET B 50 26.24 -7.09 2.98
C MET B 50 26.87 -6.96 4.36
N TYR B 51 26.61 -5.83 5.02
CA TYR B 51 27.10 -5.57 6.37
C TYR B 51 25.92 -5.29 7.28
N GLY B 52 25.92 -5.92 8.44
CA GLY B 52 24.83 -5.81 9.39
C GLY B 52 25.25 -4.97 10.58
N PHE B 53 24.37 -4.05 10.98
CA PHE B 53 24.59 -3.17 12.13
C PHE B 53 23.78 -3.69 13.29
N GLU B 54 24.45 -4.02 14.40
CA GLU B 54 23.79 -4.68 15.52
C GLU B 54 23.49 -3.67 16.61
N ARG B 55 22.99 -4.15 17.75
CA ARG B 55 22.34 -3.29 18.72
C ARG B 55 23.34 -2.40 19.49
N VAL B 56 22.96 -1.13 19.65
CA VAL B 56 23.63 -0.16 20.52
C VAL B 56 22.55 0.62 21.27
N GLU B 57 22.99 1.36 22.30
CA GLU B 57 22.11 2.07 23.23
C GLU B 57 21.61 3.40 22.65
N GLY B 58 20.48 3.85 23.19
CA GLY B 58 19.97 5.19 22.97
C GLY B 58 18.56 5.17 22.41
N SER B 59 18.00 6.37 22.30
CA SER B 59 16.80 6.54 21.50
C SER B 59 17.14 6.35 20.03
N ILE B 60 16.13 6.39 19.17
CA ILE B 60 16.36 6.03 17.77
C ILE B 60 17.41 6.94 17.15
N GLU B 61 17.28 8.24 17.35
CA GLU B 61 18.25 9.16 16.77
C GLU B 61 19.64 8.94 17.38
N GLU B 62 19.72 8.55 18.64
CA GLU B 62 21.03 8.35 19.24
C GLU B 62 21.74 7.12 18.68
N ARG B 63 20.97 6.10 18.30
CA ARG B 63 21.55 4.96 17.61
C ARG B 63 22.05 5.35 16.22
N ALA B 64 21.31 6.22 15.52
CA ALA B 64 21.80 6.73 14.24
C ALA B 64 23.01 7.62 14.43
N GLN B 65 23.12 8.28 15.58
CA GLN B 65 24.31 9.08 15.82
C GLN B 65 25.56 8.22 15.85
N GLN B 66 25.43 6.93 16.22
CA GLN B 66 26.57 6.02 16.23
C GLN B 66 26.72 5.24 14.93
N TYR B 67 25.63 4.91 14.24
CA TYR B 67 25.75 4.16 12.99
C TYR B 67 26.30 5.05 11.88
N VAL B 68 25.78 6.28 11.78
CA VAL B 68 26.13 7.18 10.68
C VAL B 68 27.63 7.36 10.49
N PRO B 69 28.42 7.71 11.52
CA PRO B 69 29.87 7.87 11.29
C PRO B 69 30.53 6.58 10.83
N LYS B 70 30.05 5.44 11.34
CA LYS B 70 30.61 4.16 10.93
C LYS B 70 30.30 3.85 9.48
N LEU B 71 29.07 4.17 9.03
CA LEU B 71 28.73 3.95 7.63
C LEU B 71 29.67 4.71 6.71
N ILE B 72 30.00 5.96 7.09
CA ILE B 72 30.86 6.82 6.28
C ILE B 72 32.29 6.31 6.28
N GLU B 73 32.72 5.71 7.39
CA GLU B 73 34.01 5.05 7.37
C GLU B 73 34.06 3.95 6.32
N MET B 74 32.95 3.22 6.14
CA MET B 74 32.93 2.04 5.31
C MET B 74 32.62 2.29 3.84
N GLN B 75 31.90 3.37 3.51
CA GLN B 75 31.44 3.59 2.14
C GLN B 75 31.76 4.96 1.56
N GLY B 76 32.26 5.90 2.35
CA GLY B 76 32.66 7.19 1.81
C GLY B 76 31.48 8.00 1.34
N ASP B 77 31.60 8.57 0.13
CA ASP B 77 30.56 9.43 -0.43
C ASP B 77 29.26 8.68 -0.71
N GLY B 78 29.35 7.40 -1.06
CA GLY B 78 28.20 6.63 -1.47
C GLY B 78 28.57 5.72 -2.63
N PRO B 79 27.57 5.07 -3.21
CA PRO B 79 26.18 5.27 -2.83
C PRO B 79 25.77 4.37 -1.66
N TYR B 80 24.70 4.75 -0.99
CA TYR B 80 24.25 4.09 0.22
C TYR B 80 22.96 3.30 -0.06
N VAL B 81 22.92 2.06 0.41
CA VAL B 81 21.74 1.20 0.33
C VAL B 81 21.43 0.74 1.76
N LEU B 82 20.28 1.16 2.29
CA LEU B 82 19.91 0.98 3.69
C LEU B 82 18.59 0.20 3.75
N VAL B 83 18.62 -0.95 4.45
CA VAL B 83 17.54 -1.94 4.40
C VAL B 83 17.27 -2.41 5.82
N GLY B 84 16.00 -2.65 6.15
CA GLY B 84 15.67 -3.11 7.48
C GLY B 84 14.26 -3.65 7.63
N TRP B 85 14.13 -4.76 8.35
CA TRP B 85 12.86 -5.35 8.74
C TRP B 85 12.52 -4.92 10.17
N SER B 86 11.23 -4.68 10.43
CA SER B 86 10.77 -4.43 11.81
C SER B 86 11.51 -3.18 12.30
N LEU B 87 12.08 -3.17 13.51
CA LEU B 87 12.81 -2.01 14.00
C LEU B 87 13.98 -1.65 13.09
N GLY B 88 14.55 -2.63 12.39
CA GLY B 88 15.65 -2.33 11.49
C GLY B 88 15.26 -1.31 10.43
N GLY B 89 13.98 -1.31 10.04
CA GLY B 89 13.48 -0.34 9.07
C GLY B 89 13.58 1.08 9.56
N VAL B 90 13.14 1.31 10.81
CA VAL B 90 13.22 2.63 11.44
C VAL B 90 14.68 3.06 11.59
N LEU B 91 15.55 2.12 11.93
CA LEU B 91 16.98 2.42 12.05
C LEU B 91 17.59 2.79 10.70
N ALA B 92 17.28 2.00 9.66
CA ALA B 92 17.72 2.32 8.30
C ALA B 92 17.25 3.70 7.88
N TYR B 93 15.97 4.00 8.12
CA TYR B 93 15.42 5.31 7.79
C TYR B 93 16.14 6.42 8.57
N ALA B 94 16.40 6.20 9.86
CA ALA B 94 17.09 7.21 10.67
C ALA B 94 18.49 7.51 10.14
N CYS B 95 19.20 6.51 9.59
CA CYS B 95 20.52 6.80 9.04
C CYS B 95 20.48 7.36 7.64
N ALA B 96 19.38 7.16 6.91
CA ALA B 96 19.14 7.91 5.68
C ALA B 96 19.08 9.42 5.96
N ILE B 97 18.50 9.80 7.09
CA ILE B 97 18.40 11.24 7.39
C ILE B 97 19.77 11.80 7.74
N GLY B 98 20.53 11.08 8.57
CA GLY B 98 21.84 11.56 8.96
C GLY B 98 22.82 11.64 7.80
N LEU B 99 22.84 10.62 6.95
CA LEU B 99 23.75 10.65 5.82
C LEU B 99 23.35 11.75 4.85
N ARG B 100 22.05 11.97 4.68
CA ARG B 100 21.59 13.06 3.82
C ARG B 100 22.06 14.41 4.35
N ARG B 101 21.98 14.63 5.66
CA ARG B 101 22.36 15.95 6.15
C ARG B 101 23.86 16.21 5.98
N LEU B 102 24.69 15.16 5.97
CA LEU B 102 26.10 15.32 5.66
C LEU B 102 26.35 15.36 4.15
N GLY B 103 25.29 15.43 3.34
CA GLY B 103 25.45 15.51 1.91
C GLY B 103 25.84 14.22 1.23
N LYS B 104 25.51 13.08 1.81
CA LYS B 104 25.87 11.80 1.21
C LYS B 104 24.74 11.36 0.26
N ASP B 105 25.12 10.57 -0.74
CA ASP B 105 24.18 10.08 -1.75
C ASP B 105 23.50 8.82 -1.25
N VAL B 106 22.27 8.93 -0.73
CA VAL B 106 21.47 7.75 -0.37
C VAL B 106 20.61 7.40 -1.57
N ARG B 107 20.82 6.21 -2.13
CA ARG B 107 20.12 5.84 -3.35
C ARG B 107 19.07 4.76 -3.17
N PHE B 108 18.91 4.18 -1.97
CA PHE B 108 17.88 3.17 -1.77
C PHE B 108 17.65 2.97 -0.28
N VAL B 109 16.40 3.14 0.15
CA VAL B 109 15.98 2.86 1.52
C VAL B 109 14.95 1.75 1.43
N GLY B 110 15.26 0.59 2.00
CA GLY B 110 14.26 -0.47 1.95
C GLY B 110 13.66 -0.84 3.28
N LEU B 111 12.39 -0.53 3.52
CA LEU B 111 11.73 -0.94 4.76
C LEU B 111 10.92 -2.21 4.48
N ILE B 112 11.25 -3.28 5.18
CA ILE B 112 10.55 -4.55 5.02
C ILE B 112 9.52 -4.62 6.13
N ASP B 113 8.28 -4.23 5.79
CA ASP B 113 7.08 -4.23 6.67
C ASP B 113 7.28 -3.48 7.99
N ALA B 114 8.06 -2.40 7.95
CA ALA B 114 8.23 -1.49 9.08
C ALA B 114 7.07 -0.48 9.08
N VAL B 115 5.90 -0.97 9.48
CA VAL B 115 4.62 -0.28 9.32
C VAL B 115 4.18 0.32 10.66
N ARG B 116 3.80 1.58 10.65
CA ARG B 116 3.46 2.27 11.89
C ARG B 116 2.10 1.85 12.41
N ALA B 117 1.92 2.07 13.71
CA ALA B 117 0.63 1.83 14.31
C ALA B 117 -0.41 2.72 13.66
N GLY B 118 -1.59 2.14 13.38
CA GLY B 118 -2.63 2.87 12.66
C GLY B 118 -3.18 4.08 13.41
N GLU B 119 -3.16 4.04 14.74
CA GLU B 119 -3.53 5.18 15.55
C GLU B 119 -2.34 5.57 16.42
N GLU B 120 -2.28 6.85 16.79
CA GLU B 120 -1.21 7.33 17.66
C GLU B 120 -1.27 6.63 19.00
N ILE B 121 -0.11 6.24 19.53
CA ILE B 121 -0.03 5.57 20.82
C ILE B 121 0.08 6.66 21.89
N PRO B 122 -0.89 6.78 22.80
CA PRO B 122 -0.82 7.86 23.79
C PRO B 122 0.33 7.62 24.76
N GLN B 123 1.13 8.67 24.96
CA GLN B 123 2.23 8.65 25.92
C GLN B 123 1.81 9.17 27.29
N THR B 124 0.67 8.69 27.81
CA THR B 124 0.05 9.18 29.03
C THR B 124 0.20 8.15 30.15
N LYS B 125 -0.18 8.57 31.37
CA LYS B 125 -0.06 7.67 32.52
C LYS B 125 -1.10 6.57 32.52
N GLU B 126 -2.34 6.86 32.07
CA GLU B 126 -3.34 5.79 32.04
C GLU B 126 -2.98 4.72 31.03
N GLU B 127 -2.38 5.09 29.89
CA GLU B 127 -1.98 4.07 28.93
C GLU B 127 -0.87 3.16 29.47
N ILE B 128 -0.05 3.66 30.40
CA ILE B 128 0.95 2.80 31.04
C ILE B 128 0.28 1.68 31.84
N ARG B 129 -0.73 2.04 32.65
CA ARG B 129 -1.48 1.04 33.39
C ARG B 129 -2.15 0.04 32.44
N LYS B 130 -2.83 0.54 31.41
CA LYS B 130 -3.51 -0.36 30.46
C LYS B 130 -2.52 -1.30 29.80
N ARG B 131 -1.30 -0.85 29.55
CA ARG B 131 -0.32 -1.66 28.84
C ARG B 131 0.15 -2.83 29.69
N TRP B 132 0.47 -2.57 30.96
CA TRP B 132 0.98 -3.65 31.79
C TRP B 132 -0.12 -4.63 32.17
N ASP B 133 -1.37 -4.19 32.15
CA ASP B 133 -2.50 -5.09 32.33
C ASP B 133 -2.61 -6.06 31.16
N ARG B 134 -2.30 -5.61 29.94
CA ARG B 134 -2.34 -6.52 28.80
C ARG B 134 -1.21 -7.56 28.89
N TYR B 135 0.02 -7.11 29.20
CA TYR B 135 1.10 -8.08 29.39
C TYR B 135 0.76 -9.09 30.48
N ALA B 136 0.20 -8.63 31.61
CA ALA B 136 -0.16 -9.54 32.69
C ALA B 136 -1.10 -10.62 32.22
N ALA B 137 -2.14 -10.23 31.46
CA ALA B 137 -3.12 -11.20 31.00
C ALA B 137 -2.54 -12.13 29.93
N PHE B 138 -1.70 -11.58 29.04
CA PHE B 138 -1.08 -12.42 28.01
C PHE B 138 -0.20 -13.51 28.63
N ALA B 139 0.59 -13.14 29.65
CA ALA B 139 1.50 -14.10 30.26
C ALA B 139 0.74 -15.15 31.07
N GLU B 140 -0.30 -14.73 31.80
CA GLU B 140 -1.06 -15.68 32.61
C GLU B 140 -1.84 -16.65 31.75
N LYS B 141 -2.28 -16.23 30.57
CA LYS B 141 -2.99 -17.12 29.66
C LYS B 141 -2.01 -18.06 28.97
N THR B 142 -0.98 -17.49 28.34
CA THR B 142 0.00 -18.26 27.58
C THR B 142 1.07 -18.87 28.49
N THR B 146 1.60 -17.21 37.19
CA THR B 146 0.67 -16.25 37.78
C THR B 146 1.44 -15.02 38.29
N ILE B 147 1.21 -13.88 37.64
CA ILE B 147 1.84 -12.62 38.01
C ILE B 147 1.01 -11.97 39.13
N PRO B 148 1.66 -11.32 40.11
CA PRO B 148 0.93 -10.64 41.19
C PRO B 148 0.41 -9.25 40.84
N ALA B 149 -0.11 -8.55 41.84
CA ALA B 149 -0.64 -7.20 41.62
C ALA B 149 0.51 -6.22 41.46
N ILE B 150 0.49 -5.47 40.36
CA ILE B 150 1.49 -4.42 40.12
C ILE B 150 1.00 -3.13 40.79
N PRO B 151 1.75 -2.57 41.74
CA PRO B 151 1.31 -1.32 42.37
C PRO B 151 1.41 -0.15 41.40
N TYR B 152 0.33 0.12 40.66
CA TYR B 152 0.41 0.98 39.49
C TYR B 152 0.85 2.42 39.82
N GLU B 153 0.67 2.88 41.06
CA GLU B 153 0.97 4.28 41.34
C GLU B 153 2.47 4.57 41.35
N GLN B 154 3.30 3.56 41.63
CA GLN B 154 4.75 3.69 41.52
C GLN B 154 5.20 3.54 40.07
N LEU B 155 4.49 2.72 39.31
CA LEU B 155 4.88 2.38 37.95
C LEU B 155 4.58 3.53 36.98
N GLU B 156 3.44 4.22 37.16
CA GLU B 156 3.03 5.28 36.24
C GLU B 156 4.03 6.44 36.15
N GLU B 157 4.99 6.52 37.07
CA GLU B 157 5.96 7.62 37.10
C GLU B 157 7.33 7.21 36.54
N LEU B 158 7.44 6.04 35.92
CA LEU B 158 8.73 5.53 35.48
C LEU B 158 8.81 5.54 33.96
N ASP B 159 10.02 5.72 33.43
CA ASP B 159 10.20 5.56 32.00
C ASP B 159 10.16 4.08 31.64
N ASP B 160 10.25 3.79 30.34
CA ASP B 160 10.09 2.41 29.89
C ASP B 160 11.08 1.49 30.59
N GLU B 161 12.36 1.89 30.63
CA GLU B 161 13.41 1.08 31.25
C GLU B 161 13.13 0.82 32.73
N GLY B 162 12.85 1.89 33.48
CA GLY B 162 12.46 1.69 34.87
C GLY B 162 11.20 0.87 35.01
N GLN B 163 10.24 1.06 34.09
CA GLN B 163 8.97 0.31 34.14
C GLN B 163 9.22 -1.20 34.10
N VAL B 164 9.94 -1.67 33.08
CA VAL B 164 10.13 -3.11 32.91
C VAL B 164 10.96 -3.68 34.06
N ARG B 165 11.98 -2.95 34.51
CA ARG B 165 12.74 -3.42 35.67
C ARG B 165 11.85 -3.55 36.90
N PHE B 166 10.99 -2.57 37.17
CA PHE B 166 10.10 -2.65 38.32
C PHE B 166 9.16 -3.84 38.24
N VAL B 167 8.63 -4.15 37.05
CA VAL B 167 7.69 -5.25 36.92
C VAL B 167 8.42 -6.59 36.93
N LEU B 168 9.66 -6.62 36.46
CA LEU B 168 10.46 -7.83 36.56
C LEU B 168 10.76 -8.16 38.02
N ASP B 169 11.05 -7.13 38.82
CA ASP B 169 11.32 -7.36 40.24
C ASP B 169 10.08 -7.88 40.98
N ALA B 170 8.90 -7.38 40.65
CA ALA B 170 7.70 -7.83 41.35
C ALA B 170 7.38 -9.30 41.01
N VAL B 171 7.67 -9.70 39.77
CA VAL B 171 7.40 -11.06 39.33
C VAL B 171 8.35 -12.05 40.00
N SER B 172 9.65 -11.73 40.03
CA SER B 172 10.59 -12.62 40.70
C SER B 172 10.24 -12.77 42.17
N GLN B 173 9.97 -11.65 42.84
CA GLN B 173 9.68 -11.66 44.28
C GLN B 173 8.40 -12.41 44.63
N SER B 174 7.56 -12.74 43.66
CA SER B 174 6.36 -13.53 43.93
C SER B 174 6.60 -15.03 43.79
N GLY B 175 7.78 -15.45 43.35
CA GLY B 175 8.13 -16.85 43.30
C GLY B 175 8.01 -17.49 41.93
N VAL B 176 8.39 -16.78 40.89
CA VAL B 176 8.51 -17.34 39.54
C VAL B 176 10.00 -17.40 39.20
N GLN B 177 10.39 -18.43 38.46
CA GLN B 177 11.80 -18.78 38.28
C GLN B 177 12.16 -18.79 36.80
N ILE B 178 12.49 -17.63 36.27
CA ILE B 178 12.83 -17.46 34.85
C ILE B 178 14.33 -17.19 34.77
N PRO B 179 15.08 -17.90 33.92
CA PRO B 179 16.54 -17.75 33.93
C PRO B 179 16.95 -16.36 33.53
N ALA B 180 18.04 -15.90 34.13
CA ALA B 180 18.51 -14.53 33.96
C ALA B 180 18.76 -14.21 32.50
N GLY B 181 19.28 -15.19 31.75
CA GLY B 181 19.58 -14.96 30.33
C GLY B 181 18.33 -14.70 29.52
N ILE B 182 17.26 -15.42 29.82
CA ILE B 182 16.01 -15.21 29.09
C ILE B 182 15.39 -13.87 29.44
N ILE B 183 15.50 -13.45 30.70
CA ILE B 183 14.85 -12.21 31.11
C ILE B 183 15.53 -11.03 30.44
N GLU B 184 16.86 -11.02 30.39
CA GLU B 184 17.59 -9.93 29.77
C GLU B 184 17.22 -9.80 28.30
N HIS B 185 17.08 -10.93 27.61
CA HIS B 185 16.69 -10.91 26.21
C HIS B 185 15.27 -10.35 26.07
N GLN B 186 14.35 -10.75 26.96
CA GLN B 186 13.00 -10.21 26.89
C GLN B 186 12.93 -8.77 27.36
N ARG B 187 13.90 -8.32 28.17
CA ARG B 187 13.92 -6.92 28.56
C ARG B 187 14.38 -6.05 27.41
N THR B 188 15.40 -6.48 26.66
CA THR B 188 15.85 -5.67 25.53
C THR B 188 14.90 -5.78 24.35
N SER B 189 14.24 -6.93 24.18
CA SER B 189 13.17 -7.04 23.20
C SER B 189 12.10 -5.99 23.45
N TYR B 190 11.60 -5.93 24.69
CA TYR B 190 10.55 -4.99 25.05
C TYR B 190 10.99 -3.52 24.83
N LEU B 191 12.17 -3.16 25.32
CA LEU B 191 12.63 -1.78 25.15
C LEU B 191 12.85 -1.47 23.68
N ASP B 192 13.30 -2.45 22.91
CA ASP B 192 13.50 -2.23 21.47
C ASP B 192 12.17 -2.07 20.76
N ASN B 193 11.16 -2.83 21.18
CA ASN B 193 9.84 -2.70 20.57
C ASN B 193 9.19 -1.36 20.94
N ARG B 194 9.43 -0.88 22.17
CA ARG B 194 8.90 0.43 22.56
C ARG B 194 9.63 1.56 21.83
N ALA B 195 10.91 1.39 21.52
CA ALA B 195 11.59 2.34 20.66
C ALA B 195 10.84 2.53 19.33
N ILE B 196 10.21 1.49 18.80
CA ILE B 196 9.38 1.66 17.61
C ILE B 196 8.14 2.49 17.94
N ASP B 197 7.43 2.12 19.03
CA ASP B 197 6.20 2.82 19.42
C ASP B 197 6.45 4.30 19.59
N THR B 198 7.50 4.66 20.33
CA THR B 198 7.75 6.05 20.70
C THR B 198 8.52 6.83 19.64
N ALA B 199 8.87 6.22 18.51
CA ALA B 199 9.82 6.85 17.60
C ALA B 199 9.29 8.19 17.08
N GLN B 200 10.13 9.22 17.14
CA GLN B 200 9.78 10.56 16.66
C GLN B 200 10.42 10.75 15.29
N ILE B 201 9.62 10.52 14.24
CA ILE B 201 10.11 10.36 12.87
C ILE B 201 10.13 11.69 12.14
N GLN B 202 11.26 11.96 11.40
CA GLN B 202 11.75 13.11 10.65
C GLN B 202 11.47 12.94 9.15
N PRO B 203 11.29 14.04 8.41
CA PRO B 203 10.99 13.91 6.98
C PRO B 203 12.24 13.54 6.18
N TYR B 204 12.01 12.80 5.09
CA TYR B 204 13.09 12.34 4.23
C TYR B 204 12.73 12.64 2.78
N ASP B 205 13.73 13.08 2.01
CA ASP B 205 13.49 13.64 0.68
C ASP B 205 13.70 12.63 -0.44
N GLY B 206 14.48 11.59 -0.19
CA GLY B 206 14.78 10.59 -1.20
C GLY B 206 13.71 9.54 -1.39
N HIS B 207 14.08 8.52 -2.14
CA HIS B 207 13.17 7.44 -2.45
C HIS B 207 13.21 6.37 -1.35
N VAL B 208 12.03 6.00 -0.85
CA VAL B 208 11.88 4.97 0.16
C VAL B 208 10.94 3.93 -0.42
N THR B 209 11.37 2.67 -0.39
CA THR B 209 10.54 1.54 -0.80
C THR B 209 10.02 0.81 0.44
N LEU B 210 8.71 0.62 0.51
CA LEU B 210 8.09 -0.02 1.67
C LEU B 210 7.47 -1.32 1.21
N TYR B 211 8.08 -2.44 1.59
CA TYR B 211 7.53 -3.74 1.28
C TYR B 211 6.48 -4.05 2.33
N MET B 212 5.22 -4.08 1.92
CA MET B 212 4.09 -4.12 2.83
C MET B 212 3.39 -5.46 2.79
N ALA B 213 3.25 -6.09 3.95
CA ALA B 213 2.49 -7.32 4.08
C ALA B 213 1.05 -6.96 4.42
N ASP B 214 0.20 -7.96 4.68
CA ASP B 214 -1.22 -7.73 4.92
C ASP B 214 -1.52 -7.31 6.34
N ARG B 215 -0.80 -7.87 7.32
CA ARG B 215 -1.26 -7.75 8.69
C ARG B 215 -0.10 -8.02 9.62
N TYR B 216 -0.13 -7.40 10.79
CA TYR B 216 0.73 -7.82 11.88
C TYR B 216 0.26 -9.15 12.47
N HIS B 217 1.19 -9.90 13.06
CA HIS B 217 0.86 -11.17 13.68
C HIS B 217 0.08 -10.95 14.97
N ASP B 218 -0.63 -12.01 15.41
CA ASP B 218 -1.59 -11.87 16.49
C ASP B 218 -0.94 -11.65 17.85
N ASP B 219 0.38 -11.83 17.94
CA ASP B 219 1.11 -11.53 19.17
C ASP B 219 1.35 -10.04 19.31
N ALA B 220 1.89 -9.41 18.26
CA ALA B 220 2.08 -7.96 18.24
C ALA B 220 0.80 -7.21 18.57
N ILE B 221 -0.33 -7.60 17.95
CA ILE B 221 -1.60 -6.95 18.25
C ILE B 221 -1.94 -7.09 19.74
N MET B 222 -1.74 -8.30 20.29
CA MET B 222 -2.06 -8.53 21.71
C MET B 222 -1.21 -7.64 22.62
N PHE B 223 0.04 -7.35 22.22
CA PHE B 223 0.85 -6.43 23.00
C PHE B 223 0.40 -4.98 22.81
N GLU B 224 0.02 -4.60 21.58
CA GLU B 224 -0.42 -3.23 21.26
C GLU B 224 -1.50 -3.29 20.18
N PRO B 225 -2.78 -3.20 20.57
CA PRO B 225 -3.86 -3.41 19.59
C PRO B 225 -3.98 -2.34 18.50
N ARG B 226 -3.25 -1.23 18.61
CA ARG B 226 -3.32 -0.22 17.55
C ARG B 226 -2.57 -0.65 16.29
N TYR B 227 -1.89 -1.78 16.33
CA TYR B 227 -1.25 -2.34 15.16
C TYR B 227 -2.21 -3.19 14.35
N ALA B 228 -3.43 -3.35 14.84
CA ALA B 228 -4.44 -4.06 14.08
C ALA B 228 -4.90 -3.30 12.84
N VAL B 229 -4.53 -2.02 12.70
CA VAL B 229 -4.97 -1.20 11.59
C VAL B 229 -3.72 -0.68 10.88
N ARG B 230 -3.72 -0.77 9.54
CA ARG B 230 -2.64 -0.25 8.70
C ARG B 230 -3.23 0.71 7.68
N GLN B 231 -2.61 1.88 7.55
CA GLN B 231 -2.92 2.76 6.46
C GLN B 231 -2.33 2.21 5.17
N PRO B 232 -2.83 2.68 4.02
CA PRO B 232 -2.22 2.28 2.75
C PRO B 232 -0.75 2.66 2.64
N ASP B 233 -0.35 3.80 3.20
CA ASP B 233 1.03 4.24 3.18
C ASP B 233 1.83 3.73 4.39
N GLY B 234 1.23 2.90 5.23
CA GLY B 234 1.99 2.37 6.34
C GLY B 234 2.37 3.38 7.39
N GLY B 235 1.79 4.57 7.35
CA GLY B 235 2.16 5.64 8.26
C GLY B 235 3.31 6.49 7.80
N TRP B 236 3.79 6.32 6.56
CA TRP B 236 5.01 6.99 6.12
C TRP B 236 4.77 8.12 5.12
N GLY B 237 3.58 8.19 4.51
CA GLY B 237 3.35 9.17 3.44
C GLY B 237 3.48 10.61 3.88
N GLU B 238 3.13 10.91 5.14
CA GLU B 238 3.34 12.25 5.65
C GLU B 238 4.81 12.62 5.69
N TYR B 239 5.70 11.63 5.83
CA TYR B 239 7.11 11.94 5.98
C TYR B 239 7.92 11.71 4.71
N VAL B 240 7.42 10.88 3.81
CA VAL B 240 8.09 10.58 2.54
C VAL B 240 7.11 10.86 1.41
N SER B 241 7.53 11.70 0.46
CA SER B 241 6.71 11.90 -0.72
C SER B 241 7.02 10.89 -1.81
N ASP B 242 8.29 10.60 -2.03
CA ASP B 242 8.72 9.60 -3.01
C ASP B 242 8.66 8.21 -2.35
N LEU B 243 7.42 7.78 -2.11
CA LEU B 243 7.15 6.55 -1.36
C LEU B 243 6.62 5.50 -2.32
N GLU B 244 7.30 4.36 -2.37
CA GLU B 244 6.87 3.23 -3.17
C GLU B 244 6.55 2.09 -2.22
N VAL B 245 5.39 1.49 -2.43
CA VAL B 245 4.92 0.37 -1.62
C VAL B 245 4.82 -0.81 -2.57
N VAL B 246 5.44 -1.91 -2.19
CA VAL B 246 5.40 -3.18 -2.91
C VAL B 246 4.59 -4.14 -2.05
N PRO B 247 3.36 -4.49 -2.43
CA PRO B 247 2.60 -5.49 -1.63
C PRO B 247 3.26 -6.86 -1.71
N ILE B 248 3.45 -7.50 -0.57
CA ILE B 248 4.05 -8.83 -0.52
C ILE B 248 3.15 -9.86 0.16
N GLY B 249 2.01 -9.47 0.72
CA GLY B 249 1.10 -10.39 1.38
C GLY B 249 1.63 -11.00 2.69
N GLY B 250 0.79 -11.88 3.28
CA GLY B 250 1.20 -12.60 4.49
C GLY B 250 1.24 -11.77 5.78
N GLU B 251 1.97 -12.30 6.75
CA GLU B 251 2.08 -11.69 8.07
C GLU B 251 3.45 -11.04 8.24
N HIS B 252 3.50 -10.02 9.09
CA HIS B 252 4.75 -9.35 9.43
C HIS B 252 5.88 -10.32 9.73
N ILE B 253 5.62 -11.25 10.66
CA ILE B 253 6.71 -12.07 11.16
C ILE B 253 7.27 -12.97 10.08
N GLN B 254 6.51 -13.27 9.05
CA GLN B 254 7.04 -14.13 8.00
C GLN B 254 7.54 -13.34 6.79
N ALA B 255 7.48 -12.01 6.84
CA ALA B 255 7.97 -11.21 5.73
C ALA B 255 9.47 -11.37 5.51
N ILE B 256 10.21 -11.84 6.51
CA ILE B 256 11.67 -11.92 6.39
C ILE B 256 12.14 -13.29 5.91
N ASP B 257 11.25 -14.28 5.80
CA ASP B 257 11.67 -15.61 5.37
C ASP B 257 11.03 -16.04 4.05
N GLU B 258 11.53 -17.17 3.59
CA GLU B 258 11.01 -17.83 2.41
C GLU B 258 9.60 -18.33 2.71
N PRO B 259 8.69 -18.31 1.71
CA PRO B 259 8.98 -17.80 0.35
C PRO B 259 8.72 -16.32 0.11
N ILE B 260 8.24 -15.59 1.12
CA ILE B 260 7.86 -14.20 0.88
C ILE B 260 9.09 -13.33 0.64
N ILE B 261 10.23 -13.65 1.28
CA ILE B 261 11.44 -12.85 1.10
C ILE B 261 11.94 -12.91 -0.34
N ALA B 262 11.53 -13.94 -1.11
CA ALA B 262 11.85 -14.02 -2.53
C ALA B 262 11.18 -12.91 -3.34
N LYS B 263 9.93 -12.58 -3.02
CA LYS B 263 9.28 -11.44 -3.65
C LYS B 263 9.98 -10.15 -3.29
N VAL B 264 10.39 -9.99 -2.03
CA VAL B 264 11.21 -8.85 -1.63
C VAL B 264 12.50 -8.83 -2.45
N GLY B 265 13.15 -9.97 -2.60
CA GLY B 265 14.46 -9.98 -3.19
C GLY B 265 14.44 -9.80 -4.69
N GLU B 266 13.40 -10.33 -5.36
CA GLU B 266 13.26 -10.11 -6.80
C GLU B 266 13.10 -8.63 -7.11
N HIS B 267 12.25 -7.94 -6.33
CA HIS B 267 12.06 -6.51 -6.53
C HIS B 267 13.35 -5.75 -6.25
N MET B 268 13.97 -6.03 -5.09
CA MET B 268 15.18 -5.34 -4.67
C MET B 268 16.33 -5.60 -5.61
N SER B 269 16.40 -6.81 -6.19
CA SER B 269 17.46 -7.11 -7.16
C SER B 269 17.37 -6.18 -8.36
N ARG B 270 16.16 -5.88 -8.84
CA ARG B 270 16.00 -4.95 -9.95
C ARG B 270 16.46 -3.54 -9.55
N ALA B 271 16.13 -3.10 -8.33
CA ALA B 271 16.57 -1.77 -7.90
C ALA B 271 18.09 -1.69 -7.76
N LEU B 272 18.74 -2.73 -7.23
CA LEU B 272 20.20 -2.68 -7.08
C LEU B 272 20.90 -2.77 -8.42
N GLY B 273 20.33 -3.53 -9.37
CA GLY B 273 20.93 -3.59 -10.68
C GLY B 273 20.90 -2.27 -11.41
N GLN B 274 19.84 -1.49 -11.20
CA GLN B 274 19.76 -0.16 -11.82
C GLN B 274 20.79 0.78 -11.22
N ILE B 275 20.96 0.74 -9.90
CA ILE B 275 21.96 1.55 -9.24
C ILE B 275 23.36 1.25 -9.80
N GLU B 276 23.68 -0.02 -10.00
CA GLU B 276 24.95 -0.36 -10.62
C GLU B 276 25.03 0.16 -12.05
N ALA B 277 23.90 0.28 -12.74
CA ALA B 277 23.91 0.79 -14.12
C ALA B 277 24.27 2.27 -14.16
N ASP B 278 23.76 3.06 -13.21
CA ASP B 278 24.02 4.49 -13.17
C ASP B 278 25.36 4.84 -12.52
N ARG B 279 26.28 3.89 -12.44
CA ARG B 279 27.60 4.16 -11.88
C ARG B 279 28.68 4.17 -12.97
C10 Z3J C . -23.94 0.64 -5.27
C11 Z3J C . -22.81 1.05 -4.57
C01 Z3J C . -23.68 7.51 -4.07
C03 Z3J C . -21.99 5.84 -5.05
C05 Z3J C . -23.07 4.86 -5.52
C06 Z3J C . -24.15 5.18 -6.36
C08 Z3J C . -24.26 2.94 -5.97
C09 Z3J C . -24.68 1.59 -5.97
C13 Z3J C . -22.41 2.38 -4.56
C14 Z3J C . -21.16 2.71 -3.82
C16 Z3J C . -19.77 1.57 -5.43
C17 Z3J C . -18.31 1.63 -5.82
C18 Z3J C . -17.73 2.81 -5.07
C19 Z3J C . -16.29 2.60 -4.49
C21 Z3J C . -17.08 3.92 -5.92
C22 Z3J C . -18.88 3.45 -4.30
C23 Z3J C . -23.12 3.39 -5.28
C24 Z3J C . -24.64 6.48 -7.02
C25 Z3J C . -23.82 7.53 -7.48
C26 Z3J C . -24.30 8.70 -8.13
C27 Z3J C . -25.65 8.85 -8.39
C29 Z3J C . -26.51 7.84 -7.99
C30 Z3J C . -26.00 6.69 -7.35
N02 Z3J C . -22.32 7.04 -4.38
N15 Z3J C . -20.12 2.95 -4.91
O04 Z3J C . -20.81 5.61 -5.22
O07 Z3J C . -24.87 4.01 -6.61
O12 Z3J C . -22.06 0.12 -3.87
O20 Z3J C . -15.76 3.50 -5.49
O28 Z3J C . -26.13 9.97 -9.03
C10 Z3J D . 5.33 -2.72 23.00
C11 Z3J D . 4.69 -3.12 21.83
C01 Z3J D . 4.68 -9.12 22.05
C03 Z3J D . 6.02 -7.61 20.50
C05 Z3J D . 6.37 -6.67 21.64
C06 Z3J D . 7.26 -6.98 22.68
C08 Z3J D . 6.47 -4.87 23.06
C09 Z3J D . 6.22 -3.59 23.62
C13 Z3J D . 4.93 -4.39 21.28
C14 Z3J D . 4.25 -4.73 20.03
C16 Z3J D . 5.97 -3.44 18.99
C17 Z3J D . 6.06 -3.00 17.53
C18 Z3J D . 5.63 -4.20 16.72
C19 Z3J D . 5.33 -3.94 15.21
C21 Z3J D . 6.76 -5.11 16.18
C22 Z3J D . 4.78 -5.05 17.66
C23 Z3J D . 5.83 -5.30 21.88
C24 Z3J D . 8.14 -8.21 23.00
C25 Z3J D . 8.67 -9.10 22.04
C26 Z3J D . 9.49 -10.22 22.34
C27 Z3J D . 9.82 -10.51 23.66
C29 Z3J D . 9.33 -9.68 24.66
C30 Z3J D . 8.52 -8.57 24.32
N02 Z3J D . 5.23 -8.75 20.74
N15 Z3J D . 5.36 -4.83 19.01
O04 Z3J D . 6.42 -7.40 19.36
O07 Z3J D . 7.32 -5.86 23.53
O12 Z3J D . 3.82 -2.28 21.19
O20 Z3J D . 6.59 -4.58 14.86
O28 Z3J D . 10.59 -11.61 23.97
#